data_3BB4
#
_entry.id   3BB4
#
_cell.length_a   121.567
_cell.length_b   121.567
_cell.length_c   42.879
_cell.angle_alpha   90.00
_cell.angle_beta   90.00
_cell.angle_gamma   90.00
#
_symmetry.space_group_name_H-M   'P 41 21 2'
#
loop_
_entity.id
_entity.type
_entity.pdbx_description
1 polymer 'T7I23.11 protein'
2 non-polymer 'MAGNESIUM ION'
3 non-polymer 'PHOSPHOAMINOPHOSPHONIC ACID-GUANYLATE ESTER'
4 water water
#
_entity_poly.entity_id   1
_entity_poly.type   'polypeptide(L)'
_entity_poly.pdbx_seq_one_letter_code
;MGSLVREWVGFQQFPAATQEKLIEFFGKLKQKDMNSMTVLVLGKGGVGKSSTVNSLIGEQVVRVSPFQAEGLRPVMVSRT
MGGFTINIIDTPGLVEAGYVNHQALELIKGFLVNRTIDVLLYVDRLDVYRVDELDKQVVIAITQTFGKEIWCKTLLVLTH
AQFSPPDELSYETFSSKRSDELLKTIRAGSKMRKQEFEDSAIAVVYAENSGRCSKNDKDEKALPNGEAWIPNLVKAITDV
ATNQRKAIHVDAAALEHHHHHH
;
_entity_poly.pdbx_strand_id   A
#
# COMPACT_ATOMS: atom_id res chain seq x y z
N GLU A 7 22.33 9.21 3.49
CA GLU A 7 22.11 7.74 3.21
C GLU A 7 20.87 7.05 3.89
N TRP A 8 20.46 5.92 3.31
CA TRP A 8 19.26 5.17 3.73
C TRP A 8 19.62 4.22 4.86
N VAL A 9 19.46 4.68 6.11
CA VAL A 9 19.89 3.88 7.27
C VAL A 9 19.04 2.62 7.44
N GLY A 10 17.73 2.70 7.25
CA GLY A 10 16.85 1.53 7.34
C GLY A 10 17.21 0.33 6.47
N PHE A 11 17.74 0.56 5.27
CA PHE A 11 18.17 -0.53 4.39
C PHE A 11 19.25 -1.40 5.03
N GLN A 12 20.05 -0.81 5.91
CA GLN A 12 21.17 -1.52 6.55
C GLN A 12 20.71 -2.39 7.72
N GLN A 13 19.53 -2.07 8.26
CA GLN A 13 18.86 -2.90 9.25
C GLN A 13 18.25 -4.17 8.64
N PHE A 14 17.80 -4.13 7.39
CA PHE A 14 17.07 -5.27 6.86
C PHE A 14 17.93 -6.55 6.90
N PRO A 15 17.31 -7.69 7.24
CA PRO A 15 17.85 -9.01 6.95
C PRO A 15 18.65 -9.10 5.65
N ALA A 16 19.87 -9.64 5.71
CA ALA A 16 20.62 -9.90 4.49
C ALA A 16 19.68 -10.24 3.31
N ALA A 17 18.74 -11.16 3.52
CA ALA A 17 17.93 -11.70 2.42
C ALA A 17 16.90 -10.72 1.83
N THR A 18 16.42 -9.76 2.64
CA THR A 18 15.48 -8.68 2.23
C THR A 18 16.22 -7.66 1.37
N GLN A 19 17.34 -7.17 1.90
CA GLN A 19 18.28 -6.27 1.22
C GLN A 19 18.65 -6.75 -0.16
N GLU A 20 19.05 -8.02 -0.22
CA GLU A 20 19.40 -8.69 -1.46
C GLU A 20 18.29 -8.60 -2.49
N LYS A 21 17.06 -8.96 -2.06
CA LYS A 21 15.85 -8.95 -2.90
C LYS A 21 15.47 -7.53 -3.34
N LEU A 22 15.44 -6.60 -2.41
CA LEU A 22 15.22 -5.20 -2.76
C LEU A 22 16.19 -4.67 -3.85
N ILE A 23 17.50 -4.91 -3.66
CA ILE A 23 18.55 -4.61 -4.67
C ILE A 23 18.23 -5.21 -6.05
N GLU A 24 17.88 -6.50 -6.07
CA GLU A 24 17.33 -7.17 -7.26
C GLU A 24 16.12 -6.39 -7.84
N PHE A 25 15.18 -5.94 -7.02
CA PHE A 25 13.94 -5.29 -7.53
C PHE A 25 14.13 -3.84 -8.09
N PHE A 26 14.89 -3.00 -7.37
CA PHE A 26 15.31 -1.67 -7.86
C PHE A 26 16.14 -1.78 -9.13
N GLY A 27 16.98 -2.79 -9.18
CA GLY A 27 17.64 -3.16 -10.44
C GLY A 27 16.71 -3.31 -11.64
N LYS A 28 15.66 -4.15 -11.55
CA LYS A 28 14.74 -4.28 -12.70
C LYS A 28 14.16 -2.88 -13.14
N LEU A 29 13.90 -1.98 -12.18
CA LEU A 29 13.43 -0.60 -12.50
C LEU A 29 14.51 0.21 -13.23
N LYS A 30 15.69 0.29 -12.61
CA LYS A 30 16.88 0.99 -13.15
C LYS A 30 17.21 0.68 -14.61
N GLN A 31 17.11 -0.59 -14.99
CA GLN A 31 17.23 -1.01 -16.41
C GLN A 31 16.16 -0.45 -17.36
N LYS A 32 15.03 0.04 -16.85
CA LYS A 32 14.00 0.65 -17.70
C LYS A 32 14.17 2.18 -17.72
N ASP A 33 15.24 2.66 -17.07
CA ASP A 33 15.63 4.10 -16.91
C ASP A 33 14.90 4.82 -15.73
N MET A 34 14.02 4.12 -15.03
CA MET A 34 13.48 4.62 -13.77
C MET A 34 14.55 4.60 -12.65
N ASN A 35 14.85 5.75 -12.08
CA ASN A 35 15.86 5.82 -11.02
C ASN A 35 15.26 6.44 -9.78
N SER A 36 13.96 6.68 -9.84
CA SER A 36 13.18 7.07 -8.69
C SER A 36 11.71 6.60 -8.91
N MET A 37 10.93 6.48 -7.84
CA MET A 37 9.48 6.25 -7.94
C MET A 37 8.75 6.79 -6.71
N THR A 38 7.54 7.31 -6.93
CA THR A 38 6.71 7.89 -5.85
C THR A 38 5.49 7.02 -5.62
N VAL A 39 5.42 6.48 -4.40
CA VAL A 39 4.35 5.65 -3.89
C VAL A 39 3.48 6.54 -3.02
N LEU A 40 2.20 6.73 -3.39
CA LEU A 40 1.19 7.36 -2.48
C LEU A 40 0.55 6.28 -1.62
N VAL A 41 0.26 6.61 -0.38
CA VAL A 41 -0.39 5.71 0.57
C VAL A 41 -1.69 6.37 0.98
N LEU A 42 -2.81 5.73 0.66
CA LEU A 42 -4.12 6.24 1.03
C LEU A 42 -4.88 5.16 1.79
N GLY A 43 -5.75 5.58 2.69
CA GLY A 43 -6.58 4.65 3.40
C GLY A 43 -7.49 5.35 4.39
N LYS A 44 -8.50 4.63 4.87
CA LYS A 44 -9.26 5.09 6.04
C LYS A 44 -8.31 5.23 7.26
N GLY A 45 -8.72 6.02 8.25
CA GLY A 45 -7.91 6.24 9.42
C GLY A 45 -7.83 4.95 10.20
N GLY A 46 -6.64 4.58 10.64
CA GLY A 46 -6.49 3.58 11.70
C GLY A 46 -5.97 2.26 11.18
N VAL A 47 -5.76 2.20 9.86
CA VAL A 47 -5.58 0.94 9.14
C VAL A 47 -4.11 0.46 9.08
N GLY A 48 -3.17 1.25 9.62
CA GLY A 48 -1.75 0.92 9.56
C GLY A 48 -1.01 1.47 8.37
N LYS A 49 -1.47 2.59 7.81
CA LYS A 49 -0.75 3.24 6.68
C LYS A 49 0.61 3.65 7.16
N SER A 50 0.69 4.42 8.24
CA SER A 50 1.99 4.92 8.72
C SER A 50 2.94 3.81 9.18
N SER A 51 2.38 2.76 9.78
CA SER A 51 3.18 1.63 10.20
C SER A 51 3.77 0.80 9.03
N THR A 52 3.04 0.68 7.90
CA THR A 52 3.51 0.06 6.63
C THR A 52 4.69 0.87 6.02
N VAL A 53 4.59 2.22 6.03
CA VAL A 53 5.65 3.14 5.59
C VAL A 53 6.93 3.02 6.47
N ASN A 54 6.80 3.00 7.80
CA ASN A 54 7.96 2.72 8.70
C ASN A 54 8.59 1.36 8.41
N SER A 55 7.76 0.38 8.10
CA SER A 55 8.20 -1.02 7.82
C SER A 55 9.03 -1.06 6.55
N LEU A 56 8.48 -0.41 5.52
CA LEU A 56 9.08 -0.29 4.19
C LEU A 56 10.38 0.49 4.27
N ILE A 57 10.35 1.64 4.96
CA ILE A 57 11.52 2.54 5.08
C ILE A 57 12.61 1.91 5.99
N GLY A 58 12.23 0.94 6.82
CA GLY A 58 13.14 0.21 7.71
C GLY A 58 13.48 0.98 8.99
N GLU A 59 12.80 2.11 9.21
CA GLU A 59 13.11 3.06 10.30
C GLU A 59 11.79 3.64 10.82
N GLN A 60 11.83 4.26 11.98
CA GLN A 60 10.69 5.04 12.50
C GLN A 60 10.55 6.45 11.92
N VAL A 61 10.01 6.57 10.71
CA VAL A 61 9.95 7.89 10.04
C VAL A 61 8.62 8.65 10.17
N VAL A 62 7.47 8.00 10.11
CA VAL A 62 6.17 8.72 10.30
C VAL A 62 5.52 8.38 11.67
N ARG A 63 4.49 9.15 12.09
CA ARG A 63 3.87 8.95 13.43
C ARG A 63 2.85 7.77 13.40
N VAL A 64 2.82 6.97 14.46
CA VAL A 64 1.95 5.80 14.62
C VAL A 64 1.03 5.99 15.88
N SER A 65 -0.31 5.93 15.72
CA SER A 65 -1.29 6.08 16.87
C SER A 65 -2.74 5.45 16.70
N PRO A 66 -3.25 4.72 17.73
CA PRO A 66 -4.72 4.34 17.85
C PRO A 66 -5.85 5.40 17.51
N PHE A 67 -5.65 6.68 17.84
CA PHE A 67 -6.74 7.69 17.89
C PHE A 67 -6.94 8.48 16.57
N LEU A 72 -4.56 16.49 8.90
CA LEU A 72 -3.35 17.29 8.78
C LEU A 72 -2.15 16.47 9.29
N ARG A 73 -1.07 16.33 8.50
CA ARG A 73 -0.97 16.75 7.07
C ARG A 73 0.12 15.88 6.33
N PRO A 74 -0.05 15.63 4.98
CA PRO A 74 0.78 14.60 4.32
C PRO A 74 2.28 14.85 4.42
N VAL A 75 3.04 13.77 4.49
CA VAL A 75 4.46 13.83 4.75
C VAL A 75 5.16 13.00 3.67
N MET A 76 6.33 13.39 3.23
CA MET A 76 7.05 12.54 2.31
C MET A 76 8.40 12.10 2.86
N VAL A 77 8.81 10.90 2.48
CA VAL A 77 9.97 10.25 3.04
C VAL A 77 10.77 9.69 1.87
N SER A 78 11.87 10.33 1.52
CA SER A 78 12.67 9.88 0.40
C SER A 78 13.88 9.21 0.97
N ARG A 79 14.21 8.03 0.50
CA ARG A 79 15.47 7.43 0.86
C ARG A 79 16.06 6.94 -0.49
N THR A 80 17.40 6.98 -0.63
CA THR A 80 18.14 6.61 -1.87
C THR A 80 19.18 5.52 -1.66
N MET A 81 19.36 4.64 -2.65
CA MET A 81 20.28 3.51 -2.51
C MET A 81 20.70 2.87 -3.87
N GLY A 82 21.99 3.05 -4.18
CA GLY A 82 22.57 2.48 -5.40
C GLY A 82 21.93 3.11 -6.62
N GLY A 83 21.78 4.43 -6.55
CA GLY A 83 21.31 5.18 -7.69
C GLY A 83 19.81 5.18 -7.86
N PHE A 84 19.11 4.58 -6.89
CA PHE A 84 17.64 4.55 -6.91
C PHE A 84 17.02 5.24 -5.70
N THR A 85 15.94 5.98 -5.94
CA THR A 85 15.24 6.82 -4.91
C THR A 85 13.79 6.37 -4.75
N ILE A 86 13.45 5.84 -3.57
CA ILE A 86 12.08 5.56 -3.25
C ILE A 86 11.56 6.77 -2.50
N ASN A 87 10.52 7.46 -2.99
CA ASN A 87 9.83 8.50 -2.16
C ASN A 87 8.41 8.05 -1.87
N ILE A 88 8.00 8.05 -0.61
CA ILE A 88 6.72 7.46 -0.18
C ILE A 88 5.99 8.55 0.53
N ILE A 89 4.73 8.81 0.15
CA ILE A 89 3.93 9.90 0.77
C ILE A 89 2.92 9.27 1.72
N ASP A 90 3.13 9.39 3.03
CA ASP A 90 2.09 9.10 4.04
C ASP A 90 1.01 10.24 4.01
N THR A 91 -0.23 9.91 4.31
CA THR A 91 -1.32 10.85 4.17
C THR A 91 -2.10 10.85 5.50
N PRO A 92 -2.85 11.94 5.83
CA PRO A 92 -3.79 11.81 6.93
C PRO A 92 -4.96 10.86 6.51
N GLY A 93 -5.55 10.12 7.42
CA GLY A 93 -6.67 9.24 7.08
C GLY A 93 -7.79 9.98 6.43
N LEU A 94 -8.61 9.27 5.66
CA LEU A 94 -9.68 9.86 4.84
C LEU A 94 -11.10 9.78 5.44
N VAL A 95 -11.21 9.48 6.73
CA VAL A 95 -12.52 9.32 7.40
C VAL A 95 -12.58 10.15 8.68
N GLU A 96 -13.64 10.96 8.80
CA GLU A 96 -13.96 11.77 10.00
C GLU A 96 -15.28 11.23 10.49
N ALA A 97 -15.23 10.12 11.22
CA ALA A 97 -16.30 9.15 11.08
C ALA A 97 -17.61 9.83 11.51
N GLY A 98 -18.67 9.40 10.85
CA GLY A 98 -18.61 8.16 10.03
C GLY A 98 -18.61 8.36 8.54
N TYR A 99 -18.07 9.50 8.10
CA TYR A 99 -18.11 9.93 6.71
C TYR A 99 -16.73 10.32 6.16
N VAL A 100 -16.62 10.44 4.84
CA VAL A 100 -15.36 10.81 4.17
C VAL A 100 -14.93 12.20 4.62
N ASN A 101 -13.69 12.33 5.08
CA ASN A 101 -13.07 13.61 5.44
C ASN A 101 -12.52 14.33 4.21
N HIS A 102 -13.36 15.15 3.56
CA HIS A 102 -12.98 15.88 2.33
C HIS A 102 -11.88 16.89 2.48
N GLN A 103 -11.60 17.32 3.70
CA GLN A 103 -10.49 18.24 3.91
C GLN A 103 -9.20 17.49 3.77
N ALA A 104 -9.01 16.42 4.55
CA ALA A 104 -7.81 15.61 4.50
C ALA A 104 -7.58 15.20 3.05
N LEU A 105 -8.66 14.88 2.34
CA LEU A 105 -8.56 14.38 0.95
C LEU A 105 -8.21 15.45 -0.10
N GLU A 106 -8.20 16.72 0.26
CA GLU A 106 -7.67 17.75 -0.69
C GLU A 106 -6.51 18.60 -0.13
N LEU A 107 -6.28 18.50 1.16
CA LEU A 107 -4.96 18.69 1.67
C LEU A 107 -4.05 17.70 0.94
N ILE A 108 -4.44 16.42 0.77
CA ILE A 108 -3.59 15.41 0.07
C ILE A 108 -3.30 15.84 -1.37
N LYS A 109 -4.36 16.11 -2.16
CA LYS A 109 -4.20 16.67 -3.52
C LYS A 109 -3.35 17.97 -3.59
N GLY A 110 -3.52 18.89 -2.64
CA GLY A 110 -2.62 20.04 -2.52
C GLY A 110 -1.15 19.66 -2.55
N PHE A 111 -0.78 18.74 -1.66
CA PHE A 111 0.59 18.15 -1.59
C PHE A 111 1.03 17.33 -2.85
N LEU A 112 0.09 16.95 -3.71
CA LEU A 112 0.44 16.10 -4.84
C LEU A 112 0.54 16.86 -6.11
N VAL A 113 -0.02 18.07 -6.17
CA VAL A 113 0.08 18.90 -7.39
C VAL A 113 1.57 19.00 -7.82
N ASN A 114 1.80 18.76 -9.11
CA ASN A 114 3.12 18.78 -9.77
C ASN A 114 3.96 17.55 -9.52
N ARG A 115 3.49 16.61 -8.68
CA ARG A 115 4.17 15.30 -8.51
C ARG A 115 3.61 14.25 -9.45
N THR A 116 4.43 13.24 -9.73
CA THR A 116 4.01 12.08 -10.50
C THR A 116 3.89 10.94 -9.50
N ILE A 117 2.71 10.34 -9.40
CA ILE A 117 2.50 9.16 -8.54
C ILE A 117 2.57 7.94 -9.41
N ASP A 118 3.54 7.07 -9.11
CA ASP A 118 3.75 5.81 -9.84
C ASP A 118 2.93 4.63 -9.31
N VAL A 119 2.79 4.52 -7.98
CA VAL A 119 1.96 3.50 -7.27
C VAL A 119 1.02 4.10 -6.15
N LEU A 120 -0.15 3.48 -5.92
CA LEU A 120 -1.01 3.80 -4.79
C LEU A 120 -1.03 2.53 -3.98
N LEU A 121 -0.71 2.64 -2.69
CA LEU A 121 -0.94 1.56 -1.78
C LEU A 121 -2.27 1.95 -1.15
N TYR A 122 -3.36 1.28 -1.55
CA TYR A 122 -4.64 1.41 -0.84
C TYR A 122 -4.64 0.49 0.40
N VAL A 123 -4.57 1.05 1.59
CA VAL A 123 -4.36 0.25 2.80
C VAL A 123 -5.70 0.05 3.53
N ASP A 124 -5.98 -1.21 3.83
CA ASP A 124 -7.02 -1.54 4.82
C ASP A 124 -6.52 -2.72 5.61
N ARG A 125 -7.28 -3.07 6.64
CA ARG A 125 -7.00 -4.18 7.52
C ARG A 125 -7.54 -5.50 7.01
N LEU A 126 -6.82 -6.59 7.30
CA LEU A 126 -7.31 -7.94 6.95
C LEU A 126 -8.35 -8.36 7.97
N ASP A 127 -8.14 -7.98 9.23
CA ASP A 127 -8.92 -8.54 10.36
C ASP A 127 -10.30 -7.90 10.62
N VAL A 128 -11.06 -7.67 9.56
CA VAL A 128 -12.35 -6.99 9.62
C VAL A 128 -13.38 -7.87 8.88
N TYR A 129 -14.60 -7.97 9.42
CA TYR A 129 -15.60 -8.94 8.91
C TYR A 129 -16.55 -8.39 7.87
N ARG A 130 -16.36 -7.17 7.42
CA ARG A 130 -17.30 -6.56 6.48
C ARG A 130 -16.84 -5.24 5.86
N VAL A 131 -17.31 -4.97 4.65
CA VAL A 131 -17.27 -3.65 4.00
C VAL A 131 -18.65 -3.05 4.14
N ASP A 132 -18.70 -1.72 4.17
CA ASP A 132 -19.93 -0.97 4.43
C ASP A 132 -19.98 0.15 3.39
N GLU A 133 -21.03 0.95 3.46
CA GLU A 133 -21.20 2.08 2.53
C GLU A 133 -20.05 3.14 2.67
N LEU A 134 -19.53 3.38 3.86
CA LEU A 134 -18.42 4.32 4.06
C LEU A 134 -17.17 3.97 3.22
N ASP A 135 -16.94 2.67 3.03
CA ASP A 135 -15.82 2.15 2.25
C ASP A 135 -15.95 2.45 0.81
N LYS A 136 -17.18 2.43 0.31
CA LYS A 136 -17.50 2.79 -1.07
C LYS A 136 -17.46 4.28 -1.25
N GLN A 137 -18.02 5.02 -0.29
CA GLN A 137 -17.85 6.48 -0.24
C GLN A 137 -16.37 6.89 -0.31
N VAL A 138 -15.46 6.18 0.40
CA VAL A 138 -14.02 6.49 0.33
C VAL A 138 -13.46 6.18 -1.06
N VAL A 139 -13.84 5.07 -1.67
CA VAL A 139 -13.30 4.72 -2.99
C VAL A 139 -13.80 5.68 -4.11
N ILE A 140 -15.02 6.23 -3.96
CA ILE A 140 -15.57 7.30 -4.83
C ILE A 140 -14.91 8.66 -4.56
N ALA A 141 -14.63 9.02 -3.30
CA ALA A 141 -13.98 10.27 -3.01
C ALA A 141 -12.57 10.24 -3.61
N ILE A 142 -11.93 9.06 -3.72
CA ILE A 142 -10.57 8.95 -4.34
C ILE A 142 -10.65 9.06 -5.87
N THR A 143 -11.69 8.48 -6.46
CA THR A 143 -11.92 8.59 -7.91
C THR A 143 -12.29 10.06 -8.29
N GLN A 144 -13.19 10.70 -7.55
CA GLN A 144 -13.53 12.13 -7.80
C GLN A 144 -12.31 13.06 -7.70
N THR A 145 -11.34 12.76 -6.82
CA THR A 145 -10.07 13.53 -6.62
C THR A 145 -8.92 13.24 -7.64
N PHE A 146 -8.53 11.98 -7.88
CA PHE A 146 -7.37 11.63 -8.77
C PHE A 146 -7.71 11.09 -10.16
N GLY A 147 -8.95 10.64 -10.34
CA GLY A 147 -9.41 10.01 -11.57
C GLY A 147 -9.43 8.49 -11.50
N LYS A 148 -10.41 7.89 -12.16
CA LYS A 148 -10.42 6.46 -12.53
C LYS A 148 -9.03 5.81 -12.78
N GLU A 149 -8.06 6.59 -13.31
CA GLU A 149 -6.74 6.10 -13.79
C GLU A 149 -5.87 5.56 -12.68
N ILE A 150 -6.18 5.98 -11.45
CA ILE A 150 -5.34 5.69 -10.27
C ILE A 150 -5.41 4.19 -9.88
N TRP A 151 -6.51 3.54 -10.29
CA TRP A 151 -6.76 2.13 -9.96
C TRP A 151 -6.03 1.14 -10.88
N CYS A 152 -5.52 1.68 -11.99
CA CYS A 152 -4.60 0.98 -12.91
C CYS A 152 -3.18 1.02 -12.38
N LYS A 153 -3.00 1.72 -11.25
CA LYS A 153 -1.70 1.94 -10.64
C LYS A 153 -1.70 1.57 -9.15
N THR A 154 -2.69 0.78 -8.71
CA THR A 154 -3.00 0.51 -7.29
C THR A 154 -2.66 -0.92 -6.94
N LEU A 155 -2.25 -1.09 -5.68
CA LEU A 155 -2.12 -2.35 -4.96
C LEU A 155 -3.02 -2.20 -3.72
N LEU A 156 -3.78 -3.24 -3.37
CA LEU A 156 -4.52 -3.31 -2.11
C LEU A 156 -3.58 -3.95 -1.11
N VAL A 157 -3.16 -3.17 -0.12
CA VAL A 157 -2.38 -3.66 1.00
C VAL A 157 -3.28 -3.93 2.22
N LEU A 158 -3.23 -5.16 2.72
CA LEU A 158 -4.03 -5.62 3.85
C LEU A 158 -3.08 -5.86 5.05
N THR A 159 -3.22 -5.00 6.05
CA THR A 159 -2.42 -5.01 7.25
C THR A 159 -3.05 -6.01 8.24
N HIS A 160 -2.34 -6.30 9.32
CA HIS A 160 -2.78 -7.27 10.34
C HIS A 160 -2.84 -8.68 9.80
N ALA A 161 -1.96 -8.97 8.83
CA ALA A 161 -1.90 -10.26 8.11
C ALA A 161 -1.68 -11.51 8.98
N GLN A 162 -1.16 -11.34 10.19
CA GLN A 162 -0.92 -12.49 11.11
C GLN A 162 -2.17 -12.94 11.89
N PHE A 163 -3.26 -12.20 11.75
CA PHE A 163 -4.55 -12.58 12.37
C PHE A 163 -5.02 -14.01 12.02
N SER A 164 -5.54 -14.66 13.09
CA SER A 164 -6.13 -16.00 13.12
C SER A 164 -7.65 -15.90 13.31
N PRO A 165 -8.41 -16.20 12.24
CA PRO A 165 -9.87 -16.06 12.40
C PRO A 165 -10.41 -17.00 13.45
N PRO A 166 -11.42 -16.57 14.19
CA PRO A 166 -12.01 -17.67 14.93
C PRO A 166 -12.98 -18.45 14.03
N ASP A 167 -13.11 -19.76 14.27
CA ASP A 167 -14.47 -20.43 14.41
C ASP A 167 -15.22 -21.33 13.37
N GLU A 168 -14.53 -22.06 12.53
CA GLU A 168 -13.11 -21.89 12.33
C GLU A 168 -12.91 -21.98 10.81
N LEU A 169 -13.33 -20.89 10.16
CA LEU A 169 -12.98 -20.67 8.78
C LEU A 169 -11.49 -20.40 8.78
N SER A 170 -10.86 -20.76 7.68
CA SER A 170 -9.42 -20.87 7.62
C SER A 170 -8.90 -19.52 7.29
N TYR A 171 -7.59 -19.32 7.45
CA TYR A 171 -6.96 -18.03 7.13
C TYR A 171 -7.27 -17.65 5.68
N GLU A 172 -7.30 -18.66 4.83
CA GLU A 172 -7.34 -18.49 3.42
C GLU A 172 -8.76 -18.30 2.92
N THR A 173 -9.74 -18.92 3.56
CA THR A 173 -11.13 -18.54 3.30
C THR A 173 -11.33 -17.08 3.73
N PHE A 174 -10.85 -16.68 4.91
CA PHE A 174 -11.20 -15.38 5.47
C PHE A 174 -10.64 -14.32 4.57
N SER A 175 -9.37 -14.50 4.20
CA SER A 175 -8.62 -13.46 3.55
C SER A 175 -8.93 -13.38 2.07
N SER A 176 -9.39 -14.49 1.46
CA SER A 176 -9.90 -14.43 0.09
C SER A 176 -11.28 -13.78 0.04
N LYS A 177 -12.13 -13.97 1.04
CA LYS A 177 -13.43 -13.28 1.07
C LYS A 177 -13.27 -11.79 1.38
N ARG A 178 -12.33 -11.48 2.27
CA ARG A 178 -12.09 -10.10 2.70
C ARG A 178 -11.63 -9.27 1.53
N SER A 179 -10.64 -9.81 0.83
CA SER A 179 -10.04 -9.07 -0.23
C SER A 179 -10.91 -9.11 -1.49
N ASP A 180 -11.79 -10.11 -1.60
CA ASP A 180 -12.79 -10.15 -2.67
C ASP A 180 -13.79 -9.06 -2.44
N GLU A 181 -14.19 -8.84 -1.19
CA GLU A 181 -15.19 -7.83 -0.87
C GLU A 181 -14.66 -6.44 -1.09
N LEU A 182 -13.36 -6.24 -0.82
CA LEU A 182 -12.75 -4.93 -0.94
C LEU A 182 -12.54 -4.63 -2.44
N LEU A 183 -12.04 -5.58 -3.22
CA LEU A 183 -11.91 -5.38 -4.68
C LEU A 183 -13.28 -5.12 -5.34
N LYS A 184 -14.36 -5.74 -4.89
CA LYS A 184 -15.68 -5.40 -5.40
C LYS A 184 -16.15 -4.00 -5.00
N THR A 185 -15.74 -3.52 -3.83
CA THR A 185 -16.09 -2.18 -3.37
C THR A 185 -15.32 -1.12 -4.18
N ILE A 186 -14.02 -1.37 -4.45
CA ILE A 186 -13.18 -0.55 -5.32
C ILE A 186 -13.80 -0.49 -6.71
N ARG A 187 -14.27 -1.62 -7.23
CA ARG A 187 -14.89 -1.74 -8.60
C ARG A 187 -16.16 -0.93 -8.77
N ALA A 188 -17.01 -1.00 -7.74
CA ALA A 188 -18.31 -0.35 -7.67
C ALA A 188 -18.18 1.15 -7.39
N GLY A 189 -17.33 1.51 -6.44
CA GLY A 189 -17.14 2.93 -6.10
C GLY A 189 -16.39 3.73 -7.17
N SER A 190 -15.94 3.04 -8.21
CA SER A 190 -14.87 3.53 -9.07
C SER A 190 -15.45 3.83 -10.45
N LYS A 191 -16.79 3.79 -10.47
CA LYS A 191 -17.60 3.02 -11.44
C LYS A 191 -16.87 2.61 -12.71
N MET A 192 -15.84 1.81 -12.52
CA MET A 192 -15.11 1.24 -13.62
C MET A 192 -15.93 0.12 -14.22
N ARG A 193 -15.72 -0.04 -15.52
CA ARG A 193 -16.41 -1.01 -16.33
C ARG A 193 -15.66 -2.35 -16.23
N LYS A 194 -16.38 -3.47 -16.31
CA LYS A 194 -15.77 -4.83 -16.28
C LYS A 194 -14.49 -4.83 -17.12
N GLN A 195 -14.57 -4.21 -18.31
CA GLN A 195 -13.47 -4.10 -19.30
C GLN A 195 -12.12 -3.61 -18.64
N GLU A 196 -12.07 -2.35 -18.18
CA GLU A 196 -10.89 -1.73 -17.47
C GLU A 196 -10.57 -2.44 -16.15
N PHE A 197 -11.54 -3.08 -15.49
CA PHE A 197 -11.27 -3.71 -14.20
C PHE A 197 -10.42 -5.00 -14.22
N GLU A 198 -10.76 -6.00 -15.03
CA GLU A 198 -9.87 -7.18 -15.18
C GLU A 198 -8.47 -6.72 -15.67
N ASP A 199 -8.45 -5.81 -16.66
CA ASP A 199 -7.19 -5.24 -17.22
C ASP A 199 -6.41 -4.35 -16.26
N SER A 200 -7.00 -4.08 -15.11
CA SER A 200 -6.39 -3.27 -14.09
C SER A 200 -5.67 -4.21 -13.16
N ALA A 201 -5.90 -5.52 -13.33
CA ALA A 201 -5.78 -6.55 -12.27
C ALA A 201 -5.01 -6.06 -11.00
N ILE A 202 -5.71 -5.32 -10.11
CA ILE A 202 -5.21 -4.83 -8.79
C ILE A 202 -4.84 -6.01 -7.89
N ALA A 203 -3.56 -6.14 -7.52
CA ALA A 203 -3.08 -7.28 -6.73
C ALA A 203 -3.29 -6.97 -5.26
N VAL A 204 -3.40 -8.02 -4.43
CA VAL A 204 -3.53 -7.91 -2.97
C VAL A 204 -2.25 -8.43 -2.34
N VAL A 205 -1.56 -7.55 -1.61
CA VAL A 205 -0.33 -7.87 -0.87
C VAL A 205 -0.72 -7.73 0.59
N TYR A 206 -0.05 -8.50 1.45
CA TYR A 206 -0.33 -8.58 2.88
C TYR A 206 0.80 -7.95 3.73
N ALA A 207 0.44 -7.30 4.83
CA ALA A 207 1.43 -6.59 5.64
C ALA A 207 1.16 -6.98 7.10
N GLU A 208 2.19 -7.37 7.84
CA GLU A 208 2.08 -7.44 9.30
C GLU A 208 3.14 -6.54 9.98
N ASN A 209 2.71 -5.42 10.53
CA ASN A 209 3.58 -4.43 11.12
C ASN A 209 3.92 -4.67 12.61
N SER A 210 3.34 -5.72 13.21
CA SER A 210 3.50 -6.01 14.64
C SER A 210 4.91 -6.55 14.90
N GLY A 211 5.52 -6.16 16.03
CA GLY A 211 6.79 -6.78 16.49
C GLY A 211 6.67 -8.26 16.86
N ARG A 212 5.45 -8.68 17.25
CA ARG A 212 5.05 -10.10 17.53
C ARG A 212 5.07 -11.00 16.28
N CYS A 213 5.54 -10.45 15.19
CA CYS A 213 5.42 -11.04 13.85
C CYS A 213 6.50 -12.05 13.53
N SER A 214 6.08 -13.32 13.50
CA SER A 214 6.88 -14.44 12.97
C SER A 214 7.96 -14.00 12.00
N LYS A 215 9.22 -14.32 12.31
CA LYS A 215 10.31 -14.21 11.36
C LYS A 215 10.44 -15.60 10.73
N ASN A 216 10.71 -15.69 9.42
CA ASN A 216 11.04 -16.98 8.79
C ASN A 216 12.50 -17.36 9.12
N ASP A 217 13.00 -18.49 8.61
CA ASP A 217 14.36 -18.95 9.00
C ASP A 217 15.52 -18.30 8.20
N LYS A 218 15.24 -17.20 7.49
CA LYS A 218 16.25 -16.22 6.98
C LYS A 218 16.16 -14.82 7.67
N ASP A 219 15.46 -14.77 8.80
CA ASP A 219 15.25 -13.57 9.67
C ASP A 219 14.27 -12.44 9.19
N GLU A 220 13.54 -12.71 8.11
CA GLU A 220 12.64 -11.73 7.51
C GLU A 220 11.25 -11.88 8.14
N LYS A 221 10.63 -10.76 8.53
CA LYS A 221 9.18 -10.65 8.72
C LYS A 221 8.42 -11.53 7.66
N ALA A 222 7.73 -12.59 8.14
CA ALA A 222 7.04 -13.58 7.29
C ALA A 222 5.54 -13.60 7.51
N LEU A 223 4.80 -13.88 6.45
CA LEU A 223 3.38 -14.24 6.56
C LEU A 223 3.15 -15.73 7.05
N PRO A 224 1.92 -16.06 7.45
CA PRO A 224 1.56 -17.43 7.79
C PRO A 224 2.06 -18.49 6.80
N ASN A 225 2.03 -18.20 5.50
CA ASN A 225 2.49 -19.13 4.47
C ASN A 225 4.03 -19.26 4.40
N GLY A 226 4.76 -18.34 5.05
CA GLY A 226 6.21 -18.47 5.21
C GLY A 226 7.01 -17.32 4.64
N GLU A 227 6.37 -16.55 3.76
CA GLU A 227 7.04 -15.61 2.88
C GLU A 227 7.34 -14.23 3.43
N ALA A 228 8.52 -13.71 3.09
CA ALA A 228 8.95 -12.38 3.48
C ALA A 228 8.00 -11.33 2.90
N TRP A 229 7.24 -10.68 3.76
CA TRP A 229 6.25 -9.74 3.24
C TRP A 229 6.79 -8.39 2.70
N ILE A 230 7.91 -7.90 3.22
CA ILE A 230 8.46 -6.62 2.73
C ILE A 230 9.10 -6.80 1.33
N PRO A 231 9.92 -7.84 1.13
CA PRO A 231 10.24 -8.19 -0.27
C PRO A 231 9.03 -8.37 -1.25
N ASN A 232 7.91 -9.02 -0.85
CA ASN A 232 6.70 -9.12 -1.72
C ASN A 232 6.06 -7.78 -1.96
N LEU A 233 6.03 -6.94 -0.94
CA LEU A 233 5.42 -5.63 -1.07
C LEU A 233 6.23 -4.75 -2.05
N VAL A 234 7.55 -4.70 -1.86
CA VAL A 234 8.46 -3.99 -2.78
C VAL A 234 8.43 -4.61 -4.22
N LYS A 235 8.34 -5.93 -4.33
CA LYS A 235 8.19 -6.57 -5.64
C LYS A 235 6.91 -6.14 -6.36
N ALA A 236 5.78 -6.00 -5.64
CA ALA A 236 4.48 -5.71 -6.27
C ALA A 236 4.42 -4.23 -6.60
N ILE A 237 5.08 -3.41 -5.75
CA ILE A 237 5.25 -1.95 -6.02
C ILE A 237 6.10 -1.66 -7.28
N THR A 238 7.29 -2.28 -7.31
CA THR A 238 8.22 -2.31 -8.47
C THR A 238 7.52 -2.69 -9.76
N ASP A 239 6.63 -3.65 -9.62
CA ASP A 239 5.84 -4.18 -10.73
C ASP A 239 4.76 -3.23 -11.28
N VAL A 240 4.09 -2.52 -10.39
CA VAL A 240 3.10 -1.53 -10.75
C VAL A 240 3.81 -0.25 -11.28
N ALA A 241 4.90 0.17 -10.62
CA ALA A 241 5.80 1.24 -11.12
C ALA A 241 6.27 1.00 -12.58
N THR A 242 6.38 -0.27 -12.98
CA THR A 242 6.83 -0.79 -14.30
C THR A 242 5.70 -1.28 -15.26
N ASN A 243 4.44 -1.27 -14.80
CA ASN A 243 3.36 -1.99 -15.49
C ASN A 243 2.91 -1.38 -16.83
N GLN A 244 3.63 -0.35 -17.30
CA GLN A 244 3.39 0.25 -18.62
C GLN A 244 2.00 0.91 -18.84
N ARG A 245 1.15 0.88 -17.81
CA ARG A 245 0.07 1.86 -17.66
C ARG A 245 0.74 3.18 -17.25
N LYS A 246 0.15 4.31 -17.64
CA LYS A 246 0.79 5.60 -17.40
C LYS A 246 0.62 6.08 -15.94
N ALA A 247 1.70 6.66 -15.35
CA ALA A 247 1.69 7.32 -13.99
C ALA A 247 0.67 8.52 -13.86
N ILE A 248 0.31 8.92 -12.63
CA ILE A 248 -0.69 10.03 -12.41
C ILE A 248 0.01 11.34 -12.09
N HIS A 249 -0.30 12.44 -12.81
CA HIS A 249 0.34 13.75 -12.54
C HIS A 249 -0.51 14.65 -11.60
N VAL A 250 -1.33 15.55 -12.13
CA VAL A 250 -2.09 16.57 -11.32
C VAL A 250 -1.56 17.97 -11.64
#